data_8HNA
#
_entry.id   8HNA
#
_cell.length_a   102.007
_cell.length_b   102.007
_cell.length_c   83.612
_cell.angle_alpha   90.00
_cell.angle_beta   90.00
_cell.angle_gamma   90.00
#
_symmetry.space_group_name_H-M   'P 41 2 2'
#
_entity_poly.entity_id   1
_entity_poly.type   'polypeptide(L)'
_entity_poly.pdbx_seq_one_letter_code
;SELDPKGQHVCVASSPSAELQCCAGWRQKDQECTIPICEGPDACQKDEVCVKPGLCRCKPGFFGAHCSSRCPGQYWGPDC
RESCPCHPHGQCEPATGACQCQADRWGARCEFPCACGPHGRCDPATGVCHCEPGWWSSTCRRPCQCNTAAARCEQATGAC
VCKPGWWGRRCSFRCNCHGSPCEQDSGRCACRPGWWGPECQQSRHHHHHH
;
_entity_poly.pdbx_strand_id   B
#
# COMPACT_ATOMS: atom_id res chain seq x y z
N CYS A 38 3.58 -24.06 -30.33
CA CYS A 38 3.70 -22.63 -30.64
C CYS A 38 5.06 -22.36 -31.28
N GLU A 39 5.61 -23.38 -31.95
CA GLU A 39 6.96 -23.32 -32.50
C GLU A 39 6.92 -23.62 -33.99
N GLY A 40 8.11 -23.64 -34.60
CA GLY A 40 8.24 -23.98 -35.99
C GLY A 40 8.05 -22.77 -36.88
N PRO A 41 7.02 -22.80 -37.74
CA PRO A 41 6.69 -21.59 -38.50
C PRO A 41 5.82 -20.68 -37.66
N ASP A 42 5.28 -21.19 -36.57
CA ASP A 42 4.49 -20.33 -35.72
C ASP A 42 5.29 -19.92 -34.52
N ALA A 43 6.60 -20.10 -34.63
CA ALA A 43 7.54 -19.87 -33.56
C ALA A 43 7.48 -18.40 -33.14
N CYS A 44 8.06 -18.14 -31.97
CA CYS A 44 7.74 -16.92 -31.26
C CYS A 44 9.08 -16.31 -30.80
N GLN A 45 9.73 -15.57 -31.71
CA GLN A 45 11.06 -15.05 -31.40
C GLN A 45 11.01 -14.10 -30.19
N LYS A 46 12.19 -13.84 -29.63
CA LYS A 46 12.31 -13.14 -28.36
C LYS A 46 11.64 -11.76 -28.44
N ASP A 47 11.24 -11.26 -27.27
CA ASP A 47 10.49 -10.03 -27.02
C ASP A 47 9.01 -10.20 -27.33
N GLU A 48 8.57 -11.38 -27.77
CA GLU A 48 7.15 -11.68 -27.89
C GLU A 48 6.77 -12.76 -26.90
N VAL A 49 5.46 -13.02 -26.84
CA VAL A 49 4.91 -14.12 -26.04
C VAL A 49 3.85 -14.82 -26.88
N CYS A 50 3.72 -16.11 -26.62
CA CYS A 50 2.68 -16.93 -27.24
C CYS A 50 1.37 -16.62 -26.53
N VAL A 51 0.53 -15.81 -27.17
CA VAL A 51 -0.83 -15.62 -26.69
C VAL A 51 -1.65 -16.86 -26.94
N LYS A 52 -1.81 -17.24 -28.22
CA LYS A 52 -2.56 -18.41 -28.66
C LYS A 52 -1.65 -19.41 -29.35
N PRO A 53 -1.98 -20.70 -29.32
CA PRO A 53 -0.99 -21.73 -29.66
C PRO A 53 -0.36 -21.59 -31.04
N GLY A 54 -0.96 -20.80 -31.93
CA GLY A 54 -0.35 -20.57 -33.22
C GLY A 54 -0.04 -19.11 -33.49
N LEU A 55 -0.13 -18.28 -32.46
CA LEU A 55 -0.04 -16.83 -32.59
C LEU A 55 1.01 -16.29 -31.62
N CYS A 56 1.44 -15.07 -31.88
CA CYS A 56 2.36 -14.36 -31.00
C CYS A 56 1.94 -12.90 -30.93
N ARG A 57 2.22 -12.27 -29.79
CA ARG A 57 2.02 -10.83 -29.66
C ARG A 57 3.19 -10.26 -28.88
N CYS A 58 3.30 -8.94 -28.87
CA CYS A 58 4.39 -8.30 -28.12
C CYS A 58 4.26 -8.64 -26.64
N LYS A 59 5.41 -8.76 -25.97
CA LYS A 59 5.37 -9.11 -24.56
C LYS A 59 4.61 -8.02 -23.79
N PRO A 60 3.98 -8.37 -22.66
CA PRO A 60 3.12 -7.42 -21.96
C PRO A 60 3.83 -6.10 -21.65
N GLY A 61 3.10 -5.00 -21.87
CA GLY A 61 3.62 -3.67 -21.68
C GLY A 61 4.35 -3.08 -22.87
N PHE A 62 4.50 -3.84 -23.95
CA PHE A 62 5.27 -3.39 -25.09
C PHE A 62 4.45 -3.56 -26.36
N PHE A 63 4.87 -2.81 -27.39
CA PHE A 63 4.20 -2.87 -28.68
C PHE A 63 5.20 -2.36 -29.72
N GLY A 64 4.79 -2.38 -30.98
CA GLY A 64 5.59 -1.78 -32.04
C GLY A 64 6.20 -2.83 -32.96
N ALA A 65 6.79 -2.31 -34.04
CA ALA A 65 7.31 -3.19 -35.09
C ALA A 65 8.34 -4.16 -34.56
N HIS A 66 9.14 -3.74 -33.58
CA HIS A 66 10.13 -4.59 -32.93
C HIS A 66 9.79 -4.78 -31.46
N CYS A 67 8.51 -4.69 -31.11
CA CYS A 67 8.02 -4.86 -29.74
C CYS A 67 8.91 -4.10 -28.75
N SER A 68 9.14 -2.83 -29.08
CA SER A 68 10.21 -2.04 -28.47
C SER A 68 9.70 -0.83 -27.69
N SER A 69 8.52 -0.33 -28.01
CA SER A 69 7.97 0.83 -27.33
C SER A 69 7.16 0.38 -26.13
N ARG A 70 7.29 1.10 -25.02
CA ARG A 70 6.47 0.81 -23.84
C ARG A 70 5.06 1.31 -24.06
N CYS A 71 4.09 0.52 -23.64
CA CYS A 71 2.70 0.93 -23.76
C CYS A 71 2.48 2.27 -23.05
N PRO A 72 1.65 3.14 -23.58
CA PRO A 72 1.18 4.28 -22.78
C PRO A 72 0.41 3.82 -21.56
N GLY A 73 0.29 4.74 -20.59
CA GLY A 73 -0.21 4.38 -19.27
C GLY A 73 -1.63 3.87 -19.26
N GLN A 74 -2.43 4.23 -20.28
CA GLN A 74 -3.81 3.77 -20.32
C GLN A 74 -3.94 2.30 -20.73
N TYR A 75 -2.86 1.64 -21.11
CA TYR A 75 -2.93 0.25 -21.53
C TYR A 75 -1.99 -0.63 -20.71
N TRP A 76 -2.25 -1.93 -20.78
CA TRP A 76 -1.38 -2.94 -20.22
C TRP A 76 -1.65 -4.24 -20.96
N GLY A 77 -0.87 -5.27 -20.62
CA GLY A 77 -1.03 -6.56 -21.24
C GLY A 77 -0.21 -6.67 -22.50
N PRO A 78 -0.20 -7.86 -23.11
CA PRO A 78 0.54 -8.03 -24.36
C PRO A 78 0.03 -7.08 -25.43
N ASP A 79 0.96 -6.34 -26.04
CA ASP A 79 0.64 -5.52 -27.19
C ASP A 79 -0.36 -4.41 -26.86
N CYS A 80 -0.41 -3.99 -25.60
CA CYS A 80 -1.31 -2.93 -25.13
C CYS A 80 -2.78 -3.28 -25.31
N ARG A 81 -3.13 -4.57 -25.26
CA ARG A 81 -4.48 -4.97 -25.65
C ARG A 81 -5.52 -4.74 -24.57
N GLU A 82 -5.16 -4.29 -23.37
CA GLU A 82 -6.16 -4.15 -22.33
C GLU A 82 -6.00 -2.80 -21.62
N SER A 83 -7.10 -2.37 -21.00
CA SER A 83 -7.23 -1.00 -20.52
C SER A 83 -6.78 -0.89 -19.06
N CYS A 84 -6.09 0.21 -18.76
CA CYS A 84 -5.74 0.56 -17.40
C CYS A 84 -6.75 1.56 -16.90
N PRO A 85 -7.59 1.21 -15.92
CA PRO A 85 -8.58 2.17 -15.42
C PRO A 85 -7.96 3.32 -14.68
N CYS A 86 -6.79 3.12 -14.09
CA CYS A 86 -6.23 4.09 -13.17
C CYS A 86 -5.02 4.74 -13.81
N HIS A 87 -5.31 5.61 -14.78
CA HIS A 87 -4.42 6.48 -15.51
C HIS A 87 -5.27 7.71 -15.82
N PRO A 88 -4.71 8.92 -15.75
CA PRO A 88 -3.34 9.16 -15.30
C PRO A 88 -3.27 9.14 -13.79
N HIS A 89 -2.23 9.73 -13.21
CA HIS A 89 -1.96 9.60 -11.77
C HIS A 89 -1.77 8.15 -11.37
N GLY A 90 -1.33 7.32 -12.30
CA GLY A 90 -1.10 5.91 -12.00
C GLY A 90 -0.91 5.12 -13.27
N GLN A 91 -0.49 3.88 -13.07
CA GLN A 91 -0.33 2.94 -14.17
C GLN A 91 -0.67 1.55 -13.67
N CYS A 92 -0.86 0.63 -14.60
CA CYS A 92 -1.09 -0.76 -14.23
C CYS A 92 0.21 -1.55 -14.38
N GLU A 93 0.34 -2.59 -13.57
CA GLU A 93 1.42 -3.53 -13.76
C GLU A 93 1.31 -4.11 -15.17
N PRO A 94 2.39 -4.16 -15.94
CA PRO A 94 2.24 -4.53 -17.36
C PRO A 94 1.64 -5.91 -17.56
N ALA A 95 2.02 -6.88 -16.73
CA ALA A 95 1.58 -8.26 -16.90
C ALA A 95 0.24 -8.55 -16.22
N THR A 96 0.11 -8.19 -14.94
CA THR A 96 -1.05 -8.61 -14.17
C THR A 96 -2.20 -7.61 -14.24
N GLY A 97 -1.92 -6.34 -14.50
CA GLY A 97 -2.95 -5.33 -14.53
C GLY A 97 -3.24 -4.68 -13.20
N ALA A 98 -2.45 -5.00 -12.17
CA ALA A 98 -2.68 -4.44 -10.86
C ALA A 98 -2.53 -2.92 -10.90
N CYS A 99 -3.55 -2.23 -10.39
CA CYS A 99 -3.50 -0.78 -10.28
C CYS A 99 -2.32 -0.34 -9.43
N GLN A 100 -1.70 0.78 -9.81
CA GLN A 100 -0.54 1.31 -9.11
C GLN A 100 -0.67 2.83 -9.13
N CYS A 101 -1.07 3.41 -8.02
CA CYS A 101 -1.28 4.85 -7.93
C CYS A 101 0.04 5.56 -7.64
N GLN A 102 0.11 6.83 -8.01
CA GLN A 102 1.17 7.68 -7.51
C GLN A 102 1.01 7.84 -6.00
N ALA A 103 2.12 8.19 -5.34
CA ALA A 103 2.21 8.02 -3.89
C ALA A 103 1.12 8.78 -3.15
N ASP A 104 0.77 9.97 -3.63
CA ASP A 104 -0.20 10.84 -3.01
C ASP A 104 -1.62 10.60 -3.50
N ARG A 105 -1.88 9.46 -4.13
CA ARG A 105 -3.12 9.23 -4.85
C ARG A 105 -3.84 8.01 -4.30
N TRP A 106 -5.15 7.96 -4.49
CA TRP A 106 -5.96 6.82 -4.10
C TRP A 106 -7.26 6.83 -4.89
N GLY A 107 -7.92 5.68 -4.91
CA GLY A 107 -9.20 5.51 -5.60
C GLY A 107 -9.15 4.39 -6.62
N ALA A 108 -10.34 4.06 -7.12
CA ALA A 108 -10.45 3.01 -8.13
C ALA A 108 -9.79 3.41 -9.45
N ARG A 109 -9.54 4.71 -9.67
CA ARG A 109 -8.82 5.20 -10.82
C ARG A 109 -7.63 6.07 -10.41
N CYS A 110 -7.20 5.97 -9.15
CA CYS A 110 -6.17 6.87 -8.62
C CYS A 110 -6.59 8.33 -8.81
N GLU A 111 -7.89 8.57 -8.84
CA GLU A 111 -8.40 9.90 -9.17
C GLU A 111 -8.33 10.86 -7.99
N PHE A 112 -8.30 10.35 -6.75
CA PHE A 112 -8.36 11.22 -5.58
C PHE A 112 -6.98 11.44 -4.96
N PRO A 113 -6.72 12.64 -4.44
CA PRO A 113 -5.46 12.90 -3.74
C PRO A 113 -5.58 12.63 -2.24
N CYS A 114 -4.43 12.37 -1.62
CA CYS A 114 -4.38 11.99 -0.21
C CYS A 114 -4.21 13.20 0.71
N ALA A 115 -4.67 13.04 1.95
CA ALA A 115 -4.58 14.07 2.97
C ALA A 115 -3.44 13.85 3.95
N CYS A 116 -2.72 12.73 3.81
CA CYS A 116 -1.75 12.34 4.82
C CYS A 116 -0.61 13.35 4.93
N GLY A 117 -0.23 13.65 6.17
CA GLY A 117 0.98 14.38 6.45
C GLY A 117 2.20 13.50 6.29
N PRO A 118 3.38 14.09 6.52
CA PRO A 118 4.63 13.33 6.31
C PRO A 118 4.70 12.04 7.10
N HIS A 119 4.16 12.02 8.31
CA HIS A 119 4.20 10.85 9.17
C HIS A 119 3.04 9.90 8.92
N GLY A 120 2.31 10.07 7.82
CA GLY A 120 1.25 9.17 7.47
C GLY A 120 1.40 8.60 6.08
N ARG A 121 1.36 7.29 5.95
CA ARG A 121 1.43 6.63 4.65
C ARG A 121 0.02 6.47 4.09
N CYS A 122 -0.20 6.94 2.87
CA CYS A 122 -1.52 6.90 2.29
C CYS A 122 -1.87 5.50 1.79
N ASP A 123 -3.15 5.16 1.86
CA ASP A 123 -3.64 3.88 1.40
C ASP A 123 -4.30 4.06 0.03
N PRO A 124 -3.76 3.49 -1.04
CA PRO A 124 -4.30 3.76 -2.38
C PRO A 124 -5.69 3.21 -2.61
N ALA A 125 -6.21 2.36 -1.72
CA ALA A 125 -7.57 1.85 -1.89
C ALA A 125 -8.61 2.79 -1.28
N THR A 126 -8.33 3.35 -0.11
CA THR A 126 -9.35 4.04 0.66
C THR A 126 -9.05 5.50 0.94
N GLY A 127 -7.80 5.93 0.80
CA GLY A 127 -7.39 7.24 1.25
C GLY A 127 -7.06 7.33 2.73
N VAL A 128 -7.23 6.24 3.48
CA VAL A 128 -6.87 6.23 4.88
C VAL A 128 -5.38 6.55 5.03
N CYS A 129 -5.05 7.38 6.03
CA CYS A 129 -3.67 7.64 6.40
C CYS A 129 -3.28 6.70 7.52
N HIS A 130 -2.29 5.85 7.27
CA HIS A 130 -1.77 4.97 8.30
C HIS A 130 -0.63 5.68 9.02
N CYS A 131 -0.79 5.88 10.33
CA CYS A 131 0.17 6.64 11.10
C CYS A 131 1.35 5.78 11.49
N GLU A 132 2.56 6.28 11.28
CA GLU A 132 3.69 5.64 11.92
C GLU A 132 3.54 5.79 13.43
N PRO A 133 4.06 4.84 14.20
CA PRO A 133 3.93 4.93 15.66
C PRO A 133 4.36 6.30 16.17
N GLY A 134 3.58 6.83 17.12
CA GLY A 134 3.82 8.16 17.64
C GLY A 134 2.99 9.25 17.01
N TRP A 135 2.15 8.95 16.04
CA TRP A 135 1.35 9.97 15.38
C TRP A 135 -0.11 9.56 15.34
N TRP A 136 -0.98 10.57 15.31
CA TRP A 136 -2.42 10.36 15.26
C TRP A 136 -3.04 11.57 14.59
N SER A 137 -4.38 11.65 14.65
CA SER A 137 -5.22 12.46 13.76
C SER A 137 -5.44 11.69 12.46
N SER A 138 -6.52 12.01 11.74
CA SER A 138 -6.78 11.30 10.50
C SER A 138 -5.68 11.57 9.46
N THR A 139 -4.95 12.67 9.61
CA THR A 139 -3.83 12.98 8.72
C THR A 139 -2.48 12.54 9.28
N CYS A 140 -2.46 11.98 10.49
CA CYS A 140 -1.22 11.58 11.17
C CYS A 140 -0.31 12.79 11.42
N ARG A 141 -0.93 13.94 11.68
CA ARG A 141 -0.18 15.17 11.91
C ARG A 141 -0.05 15.56 13.37
N ARG A 142 -0.70 14.83 14.29
CA ARG A 142 -0.57 15.18 15.69
C ARG A 142 0.26 14.14 16.42
N PRO A 143 1.16 14.57 17.30
CA PRO A 143 2.05 13.62 17.97
C PRO A 143 1.47 13.11 19.28
N CYS A 144 1.73 11.84 19.56
CA CYS A 144 1.20 11.19 20.76
C CYS A 144 1.79 11.80 22.03
N GLN A 145 0.96 11.88 23.06
CA GLN A 145 1.34 12.41 24.36
C GLN A 145 1.56 11.28 25.35
N CYS A 146 2.57 10.43 25.11
CA CYS A 146 2.70 9.21 25.88
C CYS A 146 4.13 9.06 26.39
N ASN A 147 4.31 8.12 27.30
CA ASN A 147 5.63 7.75 27.77
C ASN A 147 6.25 6.73 26.82
N THR A 148 7.51 6.41 27.07
CA THR A 148 8.30 5.60 26.14
C THR A 148 7.77 4.18 25.99
N ALA A 149 6.99 3.69 26.95
CA ALA A 149 6.46 2.34 26.89
C ALA A 149 5.18 2.23 26.08
N ALA A 150 4.74 3.31 25.46
CA ALA A 150 3.62 3.23 24.55
C ALA A 150 4.08 2.71 23.18
N ALA A 151 3.33 1.73 22.66
CA ALA A 151 3.63 1.22 21.32
C ALA A 151 3.20 2.21 20.25
N ARG A 152 2.15 2.97 20.52
CA ARG A 152 1.59 3.86 19.53
C ARG A 152 0.41 4.56 20.19
N CYS A 153 -0.40 5.30 19.45
CA CYS A 153 -1.63 5.80 20.06
C CYS A 153 -2.77 5.86 19.05
N GLU A 154 -3.99 5.91 19.57
CA GLU A 154 -5.22 5.67 18.82
C GLU A 154 -5.52 6.87 17.92
N GLN A 155 -5.80 6.57 16.66
CA GLN A 155 -5.78 7.61 15.63
C GLN A 155 -6.79 8.70 15.92
N ALA A 156 -7.97 8.34 16.42
CA ALA A 156 -9.02 9.32 16.62
C ALA A 156 -8.78 10.21 17.84
N THR A 157 -8.10 9.70 18.86
CA THR A 157 -8.13 10.33 20.16
C THR A 157 -6.77 10.56 20.78
N GLY A 158 -5.69 10.06 20.20
CA GLY A 158 -4.41 10.13 20.86
C GLY A 158 -4.29 9.28 22.10
N ALA A 159 -5.22 8.35 22.33
CA ALA A 159 -5.16 7.51 23.52
C ALA A 159 -3.96 6.56 23.41
N CYS A 160 -3.15 6.49 24.46
CA CYS A 160 -1.96 5.66 24.42
C CYS A 160 -2.30 4.17 24.43
N VAL A 161 -1.67 3.41 23.56
CA VAL A 161 -1.69 1.95 23.58
C VAL A 161 -0.37 1.47 24.14
N CYS A 162 -0.42 0.63 25.18
CA CYS A 162 0.78 0.22 25.90
C CYS A 162 1.42 -1.02 25.28
N LYS A 163 2.73 -0.97 25.14
CA LYS A 163 3.53 -2.18 25.01
C LYS A 163 3.11 -3.19 26.08
N PRO A 164 3.10 -4.49 25.76
CA PRO A 164 2.73 -5.48 26.77
C PRO A 164 3.64 -5.39 27.98
N GLY A 165 3.04 -5.38 29.16
CA GLY A 165 3.80 -5.26 30.40
C GLY A 165 3.74 -3.88 31.03
N TRP A 166 3.05 -2.94 30.41
CA TRP A 166 2.89 -1.61 30.97
C TRP A 166 1.41 -1.24 31.04
N TRP A 167 1.10 -0.32 31.95
CA TRP A 167 -0.24 0.19 32.11
C TRP A 167 -0.16 1.66 32.52
N GLY A 168 -1.32 2.27 32.64
CA GLY A 168 -1.42 3.69 32.96
C GLY A 168 -1.92 4.50 31.77
N ARG A 169 -2.51 5.65 32.10
CA ARG A 169 -3.03 6.57 31.08
C ARG A 169 -2.02 6.81 29.97
N ARG A 170 -0.75 6.94 30.33
CA ARG A 170 0.32 7.17 29.35
C ARG A 170 1.32 6.02 29.35
N CYS A 171 0.91 4.85 29.82
CA CYS A 171 1.75 3.66 29.87
C CYS A 171 3.00 3.90 30.71
N SER A 172 2.85 4.70 31.77
CA SER A 172 3.97 5.02 32.64
C SER A 172 4.35 3.84 33.54
N PHE A 173 3.37 3.03 33.95
CA PHE A 173 3.57 2.02 34.99
C PHE A 173 3.96 0.66 34.41
N ARG A 174 4.82 -0.06 35.12
CA ARG A 174 5.04 -1.47 34.84
C ARG A 174 4.02 -2.31 35.60
N CYS A 175 3.62 -3.41 34.96
CA CYS A 175 2.69 -4.34 35.57
C CYS A 175 3.35 -5.05 36.73
N ASN A 176 2.56 -5.36 37.76
CA ASN A 176 3.03 -6.20 38.86
C ASN A 176 2.52 -7.63 38.65
N CYS A 177 2.99 -8.25 37.56
CA CYS A 177 2.41 -9.49 37.08
C CYS A 177 3.47 -10.47 36.58
N HIS A 178 4.67 -10.41 37.16
CA HIS A 178 5.76 -11.35 36.84
C HIS A 178 6.03 -11.43 35.34
N GLY A 179 5.83 -10.32 34.63
CA GLY A 179 6.09 -10.25 33.21
C GLY A 179 4.85 -10.34 32.34
N SER A 180 3.75 -10.87 32.87
CA SER A 180 2.51 -10.89 32.10
C SER A 180 2.05 -9.45 31.88
N PRO A 181 1.25 -9.21 30.83
CA PRO A 181 0.64 -7.90 30.67
C PRO A 181 -0.49 -7.70 31.69
N CYS A 182 -1.06 -6.50 31.68
CA CYS A 182 -2.11 -6.17 32.64
C CYS A 182 -3.02 -5.12 32.04
N GLU A 183 -4.12 -4.84 32.73
CA GLU A 183 -5.12 -3.88 32.25
C GLU A 183 -4.60 -2.45 32.38
N GLN A 184 -4.85 -1.64 31.36
CA GLN A 184 -4.23 -0.33 31.28
C GLN A 184 -4.67 0.59 32.41
N ASP A 185 -5.94 0.52 32.80
CA ASP A 185 -6.44 1.49 33.78
C ASP A 185 -6.10 1.08 35.20
N SER A 186 -6.07 -0.20 35.48
CA SER A 186 -6.00 -0.71 36.84
C SER A 186 -4.71 -1.44 37.19
N GLY A 187 -3.98 -1.96 36.22
CA GLY A 187 -2.83 -2.80 36.51
C GLY A 187 -3.20 -4.21 36.90
N ARG A 188 -4.49 -4.53 36.94
CA ARG A 188 -4.96 -5.87 37.18
C ARG A 188 -4.41 -6.83 36.11
N CYS A 189 -3.81 -7.94 36.58
CA CYS A 189 -2.96 -8.82 35.77
C CYS A 189 -3.74 -9.54 34.68
N ALA A 190 -3.00 -10.28 33.87
CA ALA A 190 -3.56 -11.13 32.83
C ALA A 190 -3.02 -12.56 32.95
#